data_2W43
#
_entry.id   2W43
#
_cell.length_a   69.796
_cell.length_b   71.889
_cell.length_c   85.601
_cell.angle_alpha   90.00
_cell.angle_beta   90.00
_cell.angle_gamma   90.00
#
_symmetry.space_group_name_H-M   'P 21 21 21'
#
loop_
_entity.id
_entity.type
_entity.pdbx_description
1 polymer 'HYPOTHETICAL 2-HALOALKANOIC ACID DEHALOGENASE'
2 non-polymer 'PHOSPHATE ION'
3 non-polymer '2-(N-MORPHOLINO)-ETHANESULFONIC ACID'
4 water water
#
_entity_poly.entity_id   1
_entity_poly.type   'polypeptide(L)'
_entity_poly.pdbx_seq_one_letter_code
;MIILAFDIFGTVLDTSTVIQEFRNKQLEYTWLLTIMGKYVEFEEITKITLRYILKVRGEESKFDEELNKWKNLKAYEDTK
YLKEISEIAEVYALSNGSINEVKQHLERNGLLRYFKGIFSAESVKEYKPSPKVYKYFLDSIGAKEAFLVSSNAFDVIGAK
NAGMRSIFVNRKNTIVDPIGGKPDVIVNDFKELYEWILRYK
;
_entity_poly.pdbx_strand_id   A,B
#
# COMPACT_ATOMS: atom_id res chain seq x y z
N MET A 1 34.80 -3.32 -6.01
CA MET A 1 34.00 -2.09 -5.93
CA MET A 1 34.00 -2.09 -5.92
C MET A 1 32.56 -2.46 -5.57
N ILE A 2 32.00 -1.78 -4.57
CA ILE A 2 30.66 -2.07 -4.13
C ILE A 2 29.93 -0.76 -4.01
N ILE A 3 28.72 -0.73 -4.60
CA ILE A 3 27.88 0.45 -4.57
C ILE A 3 26.67 0.13 -3.69
N LEU A 4 26.45 0.99 -2.70
CA LEU A 4 25.36 0.83 -1.76
C LEU A 4 24.40 2.00 -1.87
N ALA A 5 23.11 1.72 -2.00
CA ALA A 5 22.10 2.78 -1.98
C ALA A 5 21.24 2.54 -0.76
N PHE A 6 21.31 3.47 0.19
CA PHE A 6 20.61 3.34 1.47
C PHE A 6 19.24 3.94 1.42
N ASP A 7 18.24 3.14 1.78
CA ASP A 7 16.93 3.68 2.17
C ASP A 7 17.16 4.59 3.41
N ILE A 8 16.27 5.54 3.63
CA ILE A 8 16.49 6.51 4.69
C ILE A 8 15.52 6.35 5.87
N PHE A 9 14.23 6.56 5.65
CA PHE A 9 13.28 6.54 6.75
C PHE A 9 13.00 5.09 7.20
N GLY A 10 13.45 4.77 8.42
CA GLY A 10 13.31 3.45 9.01
C GLY A 10 14.53 2.57 8.84
N THR A 11 15.50 3.06 8.05
CA THR A 11 16.76 2.35 7.83
C THR A 11 17.91 3.09 8.45
N VAL A 12 18.09 4.35 8.07
CA VAL A 12 19.11 5.22 8.68
C VAL A 12 18.47 5.96 9.86
N LEU A 13 17.29 6.55 9.60
CA LEU A 13 16.56 7.29 10.65
C LEU A 13 15.53 6.41 11.36
N ASP A 14 15.48 6.55 12.69
CA ASP A 14 14.57 5.74 13.48
C ASP A 14 13.23 6.46 13.57
N THR A 15 12.17 5.86 13.04
CA THR A 15 10.89 6.58 13.01
C THR A 15 10.02 6.23 14.22
N SER A 16 10.60 5.54 15.21
CA SER A 16 9.80 5.13 16.36
CA SER A 16 9.84 5.15 16.41
C SER A 16 9.28 6.31 17.19
N THR A 17 9.91 7.48 17.05
CA THR A 17 9.58 8.67 17.82
C THR A 17 8.38 9.50 17.29
N VAL A 18 7.85 9.11 16.14
CA VAL A 18 6.60 9.72 15.63
C VAL A 18 5.42 8.76 15.72
N ILE A 19 4.23 9.27 15.48
CA ILE A 19 3.00 8.45 15.68
C ILE A 19 3.01 7.35 14.61
N GLN A 20 2.98 6.10 15.05
CA GLN A 20 3.10 4.99 14.10
CA GLN A 20 3.10 4.96 14.11
C GLN A 20 1.98 4.97 13.08
N GLU A 21 0.78 5.33 13.51
CA GLU A 21 -0.36 5.32 12.57
C GLU A 21 -0.14 6.34 11.44
N PHE A 22 0.54 7.43 11.77
CA PHE A 22 0.92 8.45 10.77
C PHE A 22 2.00 7.88 9.84
N ARG A 23 3.04 7.27 10.39
CA ARG A 23 4.04 6.65 9.49
C ARG A 23 3.40 5.61 8.54
N ASN A 24 2.49 4.79 9.07
CA ASN A 24 1.79 3.84 8.20
C ASN A 24 0.94 4.51 7.11
N LYS A 25 0.21 5.57 7.48
CA LYS A 25 -0.68 6.23 6.52
C LYS A 25 0.16 6.95 5.44
N GLN A 26 1.29 7.52 5.84
CA GLN A 26 2.21 8.21 4.90
C GLN A 26 2.69 7.21 3.85
N LEU A 27 3.09 6.03 4.31
CA LEU A 27 3.56 5.00 3.39
CA LEU A 27 3.57 5.00 3.37
C LEU A 27 2.45 4.54 2.47
N GLU A 28 1.30 4.21 3.06
N GLU A 28 1.31 4.23 3.08
CA GLU A 28 0.15 3.78 2.24
CA GLU A 28 0.16 3.81 2.28
C GLU A 28 -0.22 4.80 1.15
C GLU A 28 -0.16 4.80 1.17
N TYR A 29 -0.15 6.09 1.49
CA TYR A 29 -0.52 7.10 0.53
C TYR A 29 0.49 7.10 -0.62
N THR A 30 1.79 6.93 -0.31
CA THR A 30 2.78 6.86 -1.44
C THR A 30 2.39 5.73 -2.42
N TRP A 31 1.93 4.60 -1.87
CA TRP A 31 1.55 3.46 -2.71
C TRP A 31 0.29 3.75 -3.53
N LEU A 32 -0.72 4.29 -2.88
CA LEU A 32 -1.99 4.53 -3.56
C LEU A 32 -1.82 5.57 -4.65
N LEU A 33 -1.05 6.63 -4.37
CA LEU A 33 -0.78 7.63 -5.41
C LEU A 33 -0.12 6.98 -6.61
N THR A 34 0.88 6.16 -6.35
CA THR A 34 1.63 5.50 -7.42
C THR A 34 0.72 4.65 -8.29
N ILE A 35 -0.15 3.85 -7.65
CA ILE A 35 -1.09 3.00 -8.40
C ILE A 35 -2.05 3.85 -9.22
N MET A 36 -2.54 4.95 -8.62
CA MET A 36 -3.48 5.83 -9.33
C MET A 36 -2.85 6.62 -10.48
N GLY A 37 -1.53 6.65 -10.54
CA GLY A 37 -0.83 7.41 -11.58
C GLY A 37 -0.80 8.89 -11.26
N LYS A 38 -0.88 9.20 -9.97
CA LYS A 38 -0.95 10.56 -9.47
C LYS A 38 0.30 10.85 -8.63
N TYR A 39 0.66 12.12 -8.57
CA TYR A 39 1.86 12.50 -7.85
C TYR A 39 1.64 13.68 -6.93
N VAL A 40 2.11 13.53 -5.68
CA VAL A 40 2.12 14.56 -4.68
C VAL A 40 3.52 14.49 -4.06
N GLU A 41 4.18 15.62 -3.84
CA GLU A 41 5.53 15.60 -3.24
CA GLU A 41 5.53 15.61 -3.23
C GLU A 41 5.49 14.98 -1.85
N PHE A 42 6.60 14.37 -1.45
CA PHE A 42 6.63 13.65 -0.17
C PHE A 42 6.35 14.56 1.04
N GLU A 43 6.86 15.80 1.02
CA GLU A 43 6.59 16.71 2.14
C GLU A 43 5.08 16.92 2.32
N GLU A 44 4.38 17.01 1.20
CA GLU A 44 2.94 17.25 1.26
C GLU A 44 2.19 15.99 1.68
N ILE A 45 2.62 14.83 1.21
CA ILE A 45 2.06 13.58 1.73
C ILE A 45 2.19 13.54 3.24
N THR A 46 3.39 13.89 3.74
CA THR A 46 3.63 13.88 5.18
C THR A 46 2.63 14.77 5.91
N LYS A 47 2.48 16.01 5.44
CA LYS A 47 1.54 16.94 6.09
C LYS A 47 0.10 16.46 6.05
N ILE A 48 -0.31 15.94 4.89
CA ILE A 48 -1.69 15.55 4.69
C ILE A 48 -2.02 14.35 5.57
N THR A 49 -1.12 13.38 5.60
CA THR A 49 -1.39 12.15 6.35
C THR A 49 -1.30 12.39 7.86
N LEU A 50 -0.33 13.17 8.31
CA LEU A 50 -0.27 13.54 9.72
C LEU A 50 -1.53 14.26 10.16
N ARG A 51 -1.97 15.22 9.36
CA ARG A 51 -3.16 15.98 9.75
C ARG A 51 -4.39 15.05 9.86
N TYR A 52 -4.55 14.14 8.89
CA TYR A 52 -5.69 13.21 8.91
C TYR A 52 -5.68 12.38 10.19
N ILE A 53 -4.52 11.80 10.50
CA ILE A 53 -4.44 10.91 11.66
C ILE A 53 -4.74 11.71 12.93
N LEU A 54 -4.14 12.89 13.06
CA LEU A 54 -4.43 13.70 14.24
C LEU A 54 -5.90 14.08 14.36
N LYS A 55 -6.52 14.51 13.26
CA LYS A 55 -7.96 14.82 13.28
C LYS A 55 -8.79 13.63 13.76
N VAL A 56 -8.47 12.41 13.29
CA VAL A 56 -9.25 11.24 13.71
C VAL A 56 -9.26 11.11 15.24
N ARG A 57 -8.09 11.32 15.84
CA ARG A 57 -7.93 11.14 17.30
C ARG A 57 -8.14 12.44 18.11
N GLY A 58 -8.74 13.44 17.49
CA GLY A 58 -9.12 14.65 18.24
C GLY A 58 -7.93 15.49 18.65
N GLU A 59 -6.86 15.44 17.82
CA GLU A 59 -5.59 16.10 18.21
C GLU A 59 -5.00 17.00 17.09
N GLU A 60 -5.87 17.61 16.30
CA GLU A 60 -5.38 18.42 15.17
C GLU A 60 -4.53 19.58 15.68
N SER A 61 -4.81 20.04 16.90
CA SER A 61 -4.04 21.13 17.52
C SER A 61 -2.55 20.77 17.68
N LYS A 62 -2.22 19.49 17.66
CA LYS A 62 -0.83 19.06 17.88
C LYS A 62 -0.02 18.99 16.60
N PHE A 63 -0.61 19.42 15.49
CA PHE A 63 0.03 19.28 14.18
C PHE A 63 1.46 19.83 14.14
N ASP A 64 1.65 21.08 14.54
CA ASP A 64 3.02 21.63 14.51
C ASP A 64 4.01 20.85 15.37
N GLU A 65 3.58 20.49 16.59
CA GLU A 65 4.39 19.72 17.52
C GLU A 65 4.80 18.38 16.94
N GLU A 66 3.84 17.70 16.32
CA GLU A 66 4.13 16.38 15.74
C GLU A 66 4.97 16.47 14.46
N LEU A 67 4.73 17.48 13.64
CA LEU A 67 5.54 17.65 12.44
C LEU A 67 6.99 17.98 12.83
N ASN A 68 7.17 18.73 13.91
CA ASN A 68 8.50 19.02 14.42
C ASN A 68 9.24 17.75 14.80
N LYS A 69 8.52 16.76 15.35
CA LYS A 69 9.19 15.46 15.66
C LYS A 69 9.66 14.79 14.38
N TRP A 70 8.87 14.87 13.31
CA TRP A 70 9.30 14.32 12.03
C TRP A 70 10.57 15.05 11.57
N LYS A 71 10.57 16.37 11.68
CA LYS A 71 11.75 17.15 11.29
C LYS A 71 12.99 16.74 12.10
N ASN A 72 12.77 16.27 13.31
CA ASN A 72 13.83 16.02 14.29
CA ASN A 72 13.85 16.02 14.25
C ASN A 72 14.15 14.55 14.50
N LEU A 73 13.87 13.71 13.49
CA LEU A 73 14.17 12.29 13.60
C LEU A 73 15.64 12.07 13.90
N LYS A 74 15.92 11.09 14.78
CA LYS A 74 17.31 10.72 15.08
C LYS A 74 17.68 9.45 14.36
N ALA A 75 18.95 9.34 13.96
CA ALA A 75 19.46 8.14 13.31
C ALA A 75 19.68 7.04 14.34
N TYR A 76 19.60 5.80 13.89
CA TYR A 76 19.96 4.67 14.74
C TYR A 76 21.41 4.77 15.16
N GLU A 77 21.71 4.26 16.36
CA GLU A 77 23.06 4.38 16.89
C GLU A 77 24.09 3.75 15.94
N ASP A 78 23.72 2.63 15.33
CA ASP A 78 24.68 1.86 14.53
C ASP A 78 25.04 2.57 13.21
N THR A 79 24.32 3.66 12.89
CA THR A 79 24.59 4.36 11.63
C THR A 79 25.94 5.08 11.65
N LYS A 80 26.58 5.14 12.82
CA LYS A 80 27.96 5.67 12.93
C LYS A 80 28.89 4.91 12.00
N TYR A 81 28.56 3.64 11.71
CA TYR A 81 29.38 2.84 10.78
C TYR A 81 29.35 3.32 9.34
N LEU A 82 28.49 4.31 9.02
CA LEU A 82 28.52 4.88 7.69
C LEU A 82 29.90 5.50 7.44
N LYS A 83 30.58 5.87 8.53
CA LYS A 83 31.94 6.42 8.38
C LYS A 83 32.86 5.37 7.77
N GLU A 84 32.98 4.23 8.46
CA GLU A 84 33.81 3.15 7.96
C GLU A 84 33.32 2.58 6.65
N ILE A 85 32.01 2.47 6.49
CA ILE A 85 31.48 1.88 5.28
C ILE A 85 31.82 2.75 4.06
N SER A 86 31.71 4.07 4.22
CA SER A 86 31.90 4.97 3.08
C SER A 86 33.38 5.05 2.67
N GLU A 87 34.27 4.55 3.52
CA GLU A 87 35.70 4.53 3.17
C GLU A 87 36.03 3.38 2.24
N ILE A 88 35.15 2.38 2.19
CA ILE A 88 35.41 1.18 1.41
C ILE A 88 34.31 0.81 0.41
N ALA A 89 33.26 1.61 0.39
CA ALA A 89 32.14 1.38 -0.51
C ALA A 89 31.63 2.73 -0.99
N GLU A 90 30.94 2.72 -2.13
CA GLU A 90 30.35 3.93 -2.70
CA GLU A 90 30.36 3.94 -2.68
C GLU A 90 28.97 4.07 -2.08
N VAL A 91 28.79 5.10 -1.26
CA VAL A 91 27.57 5.24 -0.47
C VAL A 91 26.63 6.30 -1.01
N TYR A 92 25.40 5.89 -1.31
CA TYR A 92 24.38 6.82 -1.82
C TYR A 92 23.13 6.68 -0.97
N ALA A 93 22.23 7.68 -1.05
CA ALA A 93 20.88 7.55 -0.48
C ALA A 93 19.89 7.38 -1.60
N LEU A 94 18.89 6.52 -1.38
CA LEU A 94 17.77 6.42 -2.34
C LEU A 94 16.49 6.32 -1.53
N SER A 95 15.70 7.39 -1.55
CA SER A 95 14.59 7.53 -0.62
C SER A 95 13.34 8.05 -1.34
N ASN A 96 12.17 7.74 -0.79
CA ASN A 96 10.96 8.43 -1.26
C ASN A 96 11.04 9.91 -0.93
N GLY A 97 11.81 10.27 0.09
CA GLY A 97 11.83 11.69 0.52
C GLY A 97 12.56 12.55 -0.50
N SER A 98 12.28 13.85 -0.51
CA SER A 98 12.98 14.70 -1.45
C SER A 98 14.48 14.74 -1.14
N ILE A 99 15.26 15.03 -2.18
CA ILE A 99 16.71 15.21 -2.03
C ILE A 99 16.98 16.22 -0.92
N ASN A 100 16.27 17.35 -0.96
CA ASN A 100 16.55 18.39 0.04
C ASN A 100 16.20 17.99 1.46
N GLU A 101 15.07 17.30 1.62
CA GLU A 101 14.67 16.86 2.94
C GLU A 101 15.68 15.82 3.47
N VAL A 102 16.06 14.88 2.62
CA VAL A 102 16.99 13.85 3.07
C VAL A 102 18.30 14.50 3.48
N LYS A 103 18.78 15.44 2.68
CA LYS A 103 20.02 16.14 3.05
C LYS A 103 19.91 16.82 4.42
N GLN A 104 18.76 17.46 4.68
CA GLN A 104 18.48 18.10 5.97
C GLN A 104 18.61 17.12 7.12
N HIS A 105 17.93 15.97 7.01
CA HIS A 105 17.95 15.00 8.11
C HIS A 105 19.36 14.47 8.31
N LEU A 106 20.05 14.17 7.22
CA LEU A 106 21.40 13.60 7.34
C LEU A 106 22.36 14.61 7.98
N GLU A 107 22.27 15.87 7.57
CA GLU A 107 23.10 16.95 8.17
C GLU A 107 22.84 17.10 9.65
N ARG A 108 21.56 17.07 10.04
CA ARG A 108 21.18 17.25 11.44
CA ARG A 108 21.17 17.24 11.43
C ARG A 108 21.81 16.14 12.27
N ASN A 109 21.92 14.95 11.67
CA ASN A 109 22.42 13.77 12.37
C ASN A 109 23.93 13.54 12.17
N GLY A 110 24.58 14.50 11.50
CA GLY A 110 26.03 14.41 11.29
C GLY A 110 26.47 13.30 10.37
N LEU A 111 25.61 12.94 9.42
CA LEU A 111 25.88 11.83 8.51
C LEU A 111 26.01 12.23 7.04
N LEU A 112 25.69 13.47 6.69
CA LEU A 112 25.65 13.83 5.27
C LEU A 112 27.01 13.61 4.57
N ARG A 113 28.10 13.87 5.31
CA ARG A 113 29.44 13.82 4.71
CA ARG A 113 29.45 13.83 4.75
C ARG A 113 29.80 12.46 4.15
N TYR A 114 29.10 11.42 4.64
CA TYR A 114 29.38 10.05 4.21
C TYR A 114 28.77 9.67 2.86
N PHE A 115 27.93 10.54 2.30
CA PHE A 115 27.17 10.19 1.11
C PHE A 115 27.76 10.79 -0.13
N LYS A 116 28.00 9.94 -1.12
CA LYS A 116 28.51 10.40 -2.43
C LYS A 116 27.41 11.14 -3.20
N GLY A 117 26.15 10.73 -2.98
CA GLY A 117 25.04 11.38 -3.67
C GLY A 117 23.73 10.98 -3.04
N ILE A 118 22.71 11.80 -3.30
CA ILE A 118 21.39 11.63 -2.70
C ILE A 118 20.35 11.64 -3.83
N PHE A 119 19.53 10.59 -3.86
CA PHE A 119 18.54 10.42 -4.93
C PHE A 119 17.18 10.23 -4.35
N SER A 120 16.17 10.69 -5.10
CA SER A 120 14.78 10.66 -4.63
C SER A 120 13.85 10.05 -5.65
N ALA A 121 12.92 9.25 -5.17
CA ALA A 121 11.81 8.76 -5.99
C ALA A 121 11.07 9.92 -6.65
N GLU A 122 11.08 11.09 -6.03
CA GLU A 122 10.40 12.25 -6.61
C GLU A 122 10.83 12.53 -8.04
N SER A 123 12.08 12.19 -8.35
CA SER A 123 12.59 12.39 -9.70
C SER A 123 11.80 11.67 -10.80
N VAL A 124 11.14 10.57 -10.46
CA VAL A 124 10.32 9.82 -11.43
C VAL A 124 8.82 9.92 -11.15
N LYS A 125 8.45 10.74 -10.17
CA LYS A 125 7.03 10.97 -9.84
C LYS A 125 6.25 9.67 -9.57
N GLU A 126 6.97 8.69 -9.04
CA GLU A 126 6.38 7.41 -8.57
C GLU A 126 7.16 7.02 -7.34
N TYR A 127 6.52 6.37 -6.37
CA TYR A 127 7.21 5.98 -5.15
C TYR A 127 7.59 4.51 -5.14
N LYS A 128 8.51 4.17 -4.23
CA LYS A 128 8.84 2.75 -4.03
C LYS A 128 7.56 1.97 -3.76
N PRO A 129 7.49 0.71 -4.23
CA PRO A 129 8.49 -0.12 -4.90
C PRO A 129 8.45 -0.02 -6.44
N SER A 130 8.07 1.15 -6.99
CA SER A 130 8.03 1.27 -8.46
C SER A 130 9.41 0.95 -9.02
N PRO A 131 9.49 0.10 -10.06
CA PRO A 131 10.83 -0.19 -10.64
C PRO A 131 11.49 1.08 -11.19
N LYS A 132 10.69 2.08 -11.53
CA LYS A 132 11.26 3.30 -12.10
C LYS A 132 12.19 3.99 -11.11
N VAL A 133 11.92 3.82 -9.81
CA VAL A 133 12.72 4.48 -8.79
C VAL A 133 14.14 3.92 -8.76
N TYR A 134 14.24 2.59 -8.71
CA TYR A 134 15.52 1.91 -8.62
C TYR A 134 16.29 2.08 -9.92
N LYS A 135 15.60 1.97 -11.05
CA LYS A 135 16.26 2.10 -12.36
C LYS A 135 16.78 3.53 -12.56
N TYR A 136 16.07 4.52 -12.01
CA TYR A 136 16.52 5.91 -12.14
C TYR A 136 17.84 6.06 -11.42
N PHE A 137 17.98 5.42 -10.26
CA PHE A 137 19.24 5.51 -9.52
C PHE A 137 20.37 4.87 -10.34
N LEU A 138 20.15 3.64 -10.79
CA LEU A 138 21.21 2.93 -11.54
C LEU A 138 21.58 3.72 -12.79
N ASP A 139 20.57 4.21 -13.51
CA ASP A 139 20.83 4.97 -14.73
C ASP A 139 21.58 6.25 -14.45
N SER A 140 21.23 6.93 -13.35
CA SER A 140 21.83 8.23 -13.01
CA SER A 140 21.85 8.22 -13.09
C SER A 140 23.33 8.12 -12.82
N ILE A 141 23.75 7.11 -12.04
CA ILE A 141 25.17 6.96 -11.69
C ILE A 141 25.89 6.04 -12.68
N GLY A 142 25.15 5.54 -13.67
CA GLY A 142 25.72 4.65 -14.69
C GLY A 142 26.30 3.38 -14.12
N ALA A 143 25.54 2.74 -13.22
CA ALA A 143 25.97 1.46 -12.66
C ALA A 143 25.03 0.38 -13.11
N LYS A 144 25.55 -0.84 -13.21
CA LYS A 144 24.72 -2.01 -13.48
CA LYS A 144 24.70 -1.99 -13.48
C LYS A 144 24.47 -2.78 -12.20
N GLU A 145 25.48 -2.86 -11.35
CA GLU A 145 25.35 -3.62 -10.12
C GLU A 145 25.45 -2.72 -8.91
N ALA A 146 24.43 -2.79 -8.07
CA ALA A 146 24.44 -2.04 -6.82
C ALA A 146 23.50 -2.72 -5.86
N PHE A 147 23.70 -2.46 -4.56
CA PHE A 147 22.86 -3.05 -3.51
C PHE A 147 21.96 -2.01 -2.90
N LEU A 148 20.66 -2.28 -2.85
CA LEU A 148 19.74 -1.43 -2.11
C LEU A 148 19.72 -1.95 -0.67
N VAL A 149 20.13 -1.08 0.26
CA VAL A 149 20.19 -1.42 1.69
C VAL A 149 18.95 -0.86 2.40
N SER A 150 18.10 -1.73 2.93
CA SER A 150 16.88 -1.22 3.56
C SER A 150 16.39 -2.11 4.71
N SER A 151 15.76 -1.47 5.69
CA SER A 151 15.08 -2.17 6.80
CA SER A 151 15.08 -2.19 6.78
C SER A 151 13.59 -2.41 6.48
N ASN A 152 13.14 -1.88 5.34
CA ASN A 152 11.75 -2.01 4.93
C ASN A 152 11.61 -3.14 3.92
N ALA A 153 10.90 -4.21 4.31
CA ALA A 153 10.83 -5.40 3.46
C ALA A 153 10.32 -5.09 2.06
N PHE A 154 9.31 -4.23 1.95
CA PHE A 154 8.76 -3.97 0.61
C PHE A 154 9.77 -3.29 -0.30
N ASP A 155 10.75 -2.59 0.29
CA ASP A 155 11.77 -1.83 -0.48
C ASP A 155 12.83 -2.81 -0.97
N VAL A 156 13.23 -3.74 -0.10
CA VAL A 156 14.09 -4.84 -0.50
C VAL A 156 13.49 -5.62 -1.68
N ILE A 157 12.21 -5.94 -1.56
CA ILE A 157 11.54 -6.72 -2.61
C ILE A 157 11.45 -5.89 -3.89
N GLY A 158 11.19 -4.60 -3.72
CA GLY A 158 11.12 -3.72 -4.89
C GLY A 158 12.44 -3.66 -5.64
N ALA A 159 13.53 -3.60 -4.89
CA ALA A 159 14.86 -3.51 -5.48
C ALA A 159 15.13 -4.76 -6.31
N LYS A 160 14.87 -5.91 -5.72
CA LYS A 160 15.07 -7.18 -6.41
C LYS A 160 14.24 -7.24 -7.67
N ASN A 161 13.00 -6.79 -7.59
CA ASN A 161 12.10 -6.78 -8.74
C ASN A 161 12.63 -5.93 -9.90
N ALA A 162 13.39 -4.88 -9.56
CA ALA A 162 13.96 -3.94 -10.53
C ALA A 162 15.34 -4.37 -11.02
N GLY A 163 15.74 -5.57 -10.60
CA GLY A 163 17.05 -6.13 -10.97
C GLY A 163 18.24 -5.61 -10.19
N MET A 164 17.98 -4.97 -9.05
CA MET A 164 19.01 -4.48 -8.16
C MET A 164 19.33 -5.58 -7.14
N ARG A 165 20.56 -5.66 -6.62
CA ARG A 165 20.80 -6.53 -5.47
C ARG A 165 20.26 -5.87 -4.22
N SER A 166 20.06 -6.65 -3.14
CA SER A 166 19.49 -6.04 -1.94
CA SER A 166 19.40 -6.11 -1.94
C SER A 166 20.02 -6.62 -0.64
N ILE A 167 20.14 -5.73 0.34
CA ILE A 167 20.56 -6.09 1.70
C ILE A 167 19.46 -5.69 2.66
N PHE A 168 18.87 -6.68 3.32
CA PHE A 168 17.85 -6.41 4.33
C PHE A 168 18.52 -6.19 5.67
N VAL A 169 18.36 -4.99 6.22
CA VAL A 169 18.83 -4.71 7.58
C VAL A 169 17.66 -4.97 8.55
N ASN A 170 17.64 -6.18 9.10
CA ASN A 170 16.52 -6.72 9.88
C ASN A 170 16.50 -6.21 11.31
N ARG A 171 15.88 -5.05 11.53
CA ARG A 171 15.90 -4.38 12.84
C ARG A 171 14.85 -4.86 13.84
N LYS A 172 13.90 -5.67 13.39
CA LYS A 172 12.82 -6.16 14.27
C LYS A 172 12.53 -7.67 14.16
N ASN A 173 13.52 -8.43 13.69
CA ASN A 173 13.45 -9.90 13.65
C ASN A 173 12.24 -10.43 12.90
N THR A 174 12.00 -9.86 11.72
CA THR A 174 10.94 -10.33 10.83
C THR A 174 11.54 -11.02 9.62
N ILE A 175 10.68 -11.68 8.85
CA ILE A 175 11.06 -12.21 7.54
C ILE A 175 10.42 -11.37 6.44
N VAL A 176 11.14 -11.17 5.35
CA VAL A 176 10.67 -10.39 4.20
C VAL A 176 9.47 -11.09 3.57
N ASP A 177 8.41 -10.31 3.29
CA ASP A 177 7.16 -10.85 2.73
C ASP A 177 7.41 -11.74 1.50
N PRO A 178 6.64 -12.82 1.35
CA PRO A 178 6.98 -13.85 0.37
C PRO A 178 6.38 -13.63 -1.02
N ILE A 179 6.39 -12.39 -1.50
CA ILE A 179 5.67 -12.03 -2.73
C ILE A 179 6.60 -11.80 -3.93
N GLY A 180 7.90 -11.91 -3.72
CA GLY A 180 8.86 -11.69 -4.79
C GLY A 180 10.25 -12.21 -4.48
N GLY A 181 11.25 -11.41 -4.80
CA GLY A 181 12.64 -11.79 -4.61
C GLY A 181 13.04 -11.80 -3.15
N LYS A 182 14.13 -12.51 -2.85
CA LYS A 182 14.67 -12.60 -1.49
C LYS A 182 15.98 -11.83 -1.40
N PRO A 183 16.30 -11.27 -0.22
CA PRO A 183 17.47 -10.41 -0.22
C PRO A 183 18.75 -11.20 -0.42
N ASP A 184 19.72 -10.56 -1.08
CA ASP A 184 21.03 -11.17 -1.28
C ASP A 184 21.77 -11.37 0.05
N VAL A 185 21.57 -10.43 0.97
CA VAL A 185 22.23 -10.43 2.28
C VAL A 185 21.26 -10.02 3.35
N ILE A 186 21.35 -10.65 4.53
CA ILE A 186 20.57 -10.21 5.69
C ILE A 186 21.51 -9.94 6.85
N VAL A 187 21.42 -8.72 7.40
CA VAL A 187 22.18 -8.32 8.60
C VAL A 187 21.25 -7.62 9.56
N ASN A 188 21.63 -7.49 10.84
CA ASN A 188 20.75 -6.90 11.84
C ASN A 188 20.93 -5.39 12.04
N ASP A 189 22.10 -4.90 11.68
CA ASP A 189 22.42 -3.50 11.82
C ASP A 189 23.60 -3.12 10.97
N PHE A 190 24.02 -1.86 11.04
CA PHE A 190 25.08 -1.41 10.14
C PHE A 190 26.47 -1.92 10.56
N LYS A 191 26.62 -2.32 11.82
CA LYS A 191 27.90 -2.92 12.24
C LYS A 191 28.07 -4.23 11.48
N GLU A 192 27.03 -5.08 11.52
CA GLU A 192 27.07 -6.31 10.72
C GLU A 192 27.22 -6.03 9.23
N LEU A 193 26.62 -4.94 8.74
CA LEU A 193 26.77 -4.56 7.33
C LEU A 193 28.24 -4.29 7.01
N TYR A 194 28.86 -3.48 7.84
CA TYR A 194 30.30 -3.17 7.70
C TYR A 194 31.14 -4.45 7.69
N GLU A 195 30.85 -5.33 8.64
CA GLU A 195 31.60 -6.61 8.75
C GLU A 195 31.43 -7.43 7.49
N TRP A 196 30.21 -7.41 6.94
CA TRP A 196 29.97 -8.11 5.68
C TRP A 196 30.81 -7.50 4.54
N ILE A 197 30.83 -6.18 4.42
CA ILE A 197 31.62 -5.55 3.34
C ILE A 197 33.09 -5.94 3.45
N LEU A 198 33.61 -6.01 4.69
CA LEU A 198 35.02 -6.34 4.92
C LEU A 198 35.37 -7.73 4.37
N ARG A 199 34.42 -8.65 4.47
CA ARG A 199 34.63 -10.01 3.97
CA ARG A 199 34.60 -10.02 3.96
C ARG A 199 34.39 -10.08 2.46
N TYR A 200 33.54 -9.19 1.95
CA TYR A 200 33.09 -9.20 0.55
C TYR A 200 34.06 -8.51 -0.40
N LYS A 201 34.74 -7.45 0.07
CA LYS A 201 35.74 -6.69 -0.69
C LYS A 201 36.79 -7.57 -1.36
N ILE B 2 -29.75 5.09 -13.05
CA ILE B 2 -28.34 5.22 -12.64
C ILE B 2 -27.69 3.84 -12.59
N ILE B 3 -26.38 3.84 -12.76
CA ILE B 3 -25.59 2.62 -12.84
C ILE B 3 -24.66 2.56 -11.62
N LEU B 4 -24.69 1.42 -10.92
CA LEU B 4 -23.93 1.23 -9.68
C LEU B 4 -22.95 0.10 -9.83
N ALA B 5 -21.69 0.35 -9.49
CA ALA B 5 -20.68 -0.70 -9.43
C ALA B 5 -20.34 -0.88 -7.98
N PHE B 6 -20.71 -2.02 -7.43
CA PHE B 6 -20.48 -2.33 -6.01
C PHE B 6 -19.15 -3.04 -5.81
N ASP B 7 -18.31 -2.43 -4.95
CA ASP B 7 -17.18 -3.12 -4.35
C ASP B 7 -17.78 -4.29 -3.54
N ILE B 8 -16.98 -5.34 -3.31
CA ILE B 8 -17.50 -6.54 -2.66
C ILE B 8 -16.92 -6.79 -1.28
N PHE B 9 -15.61 -7.02 -1.21
CA PHE B 9 -14.99 -7.28 0.11
C PHE B 9 -14.92 -6.03 0.99
N GLY B 10 -15.72 -6.01 2.05
CA GLY B 10 -15.74 -4.89 2.97
C GLY B 10 -16.93 -4.01 2.71
N THR B 11 -17.54 -4.17 1.53
CA THR B 11 -18.71 -3.35 1.22
C THR B 11 -20.00 -4.17 1.31
N VAL B 12 -20.04 -5.27 0.56
CA VAL B 12 -21.15 -6.22 0.62
C VAL B 12 -20.86 -7.29 1.70
N LEU B 13 -19.64 -7.84 1.66
CA LEU B 13 -19.18 -8.81 2.66
C LEU B 13 -18.48 -8.17 3.84
N ASP B 14 -18.83 -8.64 5.06
CA ASP B 14 -18.19 -8.17 6.28
C ASP B 14 -16.95 -9.03 6.50
N THR B 15 -15.77 -8.43 6.42
CA THR B 15 -14.54 -9.20 6.56
C THR B 15 -14.05 -9.25 8.02
N SER B 16 -14.87 -8.84 8.98
CA SER B 16 -14.49 -8.80 10.39
CA SER B 16 -14.40 -8.78 10.37
C SER B 16 -14.16 -10.17 10.97
N THR B 17 -14.67 -11.20 10.32
CA THR B 17 -14.61 -12.56 10.86
C THR B 17 -13.33 -13.29 10.52
N VAL B 18 -12.49 -12.68 9.68
CA VAL B 18 -11.18 -13.28 9.43
C VAL B 18 -10.10 -12.54 10.22
N ILE B 19 -8.90 -13.11 10.24
CA ILE B 19 -7.77 -12.47 10.93
C ILE B 19 -7.42 -11.14 10.27
N GLN B 20 -7.41 -10.07 11.07
CA GLN B 20 -7.26 -8.76 10.48
CA GLN B 20 -7.20 -8.70 10.59
C GLN B 20 -5.87 -8.53 9.88
N GLU B 21 -4.83 -9.15 10.43
CA GLU B 21 -3.49 -9.03 9.83
C GLU B 21 -3.49 -9.67 8.45
N PHE B 22 -4.29 -10.72 8.29
CA PHE B 22 -4.43 -11.40 7.01
C PHE B 22 -5.19 -10.49 6.05
N ARG B 23 -6.31 -9.94 6.48
CA ARG B 23 -7.08 -9.08 5.58
CA ARG B 23 -7.11 -9.01 5.67
C ARG B 23 -6.21 -7.88 5.14
N ASN B 24 -5.52 -7.24 6.08
CA ASN B 24 -4.66 -6.10 5.76
C ASN B 24 -3.51 -6.43 4.80
N LYS B 25 -2.86 -7.57 5.02
CA LYS B 25 -1.71 -7.99 4.20
C LYS B 25 -2.15 -8.36 2.78
N GLN B 26 -3.31 -9.01 2.68
CA GLN B 26 -3.89 -9.38 1.38
CA GLN B 26 -3.85 -9.39 1.37
C GLN B 26 -4.06 -8.11 0.53
N LEU B 27 -4.65 -7.08 1.13
CA LEU B 27 -4.83 -5.81 0.45
CA LEU B 27 -4.83 -5.79 0.45
C LEU B 27 -3.48 -5.18 0.07
N GLU B 28 -2.59 -5.09 1.05
CA GLU B 28 -1.25 -4.57 0.82
CA GLU B 28 -1.26 -4.54 0.79
C GLU B 28 -0.56 -5.24 -0.37
N TYR B 29 -0.66 -6.57 -0.45
CA TYR B 29 -0.01 -7.28 -1.53
C TYR B 29 -0.64 -6.93 -2.89
N THR B 30 -1.96 -6.79 -2.95
CA THR B 30 -2.56 -6.36 -4.24
C THR B 30 -1.95 -5.02 -4.70
N TRP B 31 -1.63 -4.13 -3.75
CA TRP B 31 -1.05 -2.84 -4.10
C TRP B 31 0.40 -2.99 -4.54
N LEU B 32 1.20 -3.67 -3.71
CA LEU B 32 2.62 -3.77 -3.98
C LEU B 32 2.90 -4.54 -5.26
N LEU B 33 2.16 -5.63 -5.50
CA LEU B 33 2.36 -6.38 -6.73
C LEU B 33 1.99 -5.53 -7.95
N THR B 34 0.91 -4.76 -7.82
CA THR B 34 0.50 -3.88 -8.92
C THR B 34 1.57 -2.83 -9.23
N ILE B 35 2.12 -2.23 -8.18
CA ILE B 35 3.17 -1.24 -8.37
C ILE B 35 4.38 -1.86 -9.04
N MET B 36 4.72 -3.09 -8.64
CA MET B 36 5.91 -3.79 -9.18
C MET B 36 5.70 -4.38 -10.58
N GLY B 37 4.46 -4.27 -11.06
CA GLY B 37 4.11 -4.81 -12.38
C GLY B 37 4.07 -6.32 -12.44
N LYS B 38 3.70 -6.97 -11.32
N LYS B 38 3.79 -6.93 -11.29
CA LYS B 38 3.69 -8.44 -11.22
CA LYS B 38 3.62 -8.36 -11.23
C LYS B 38 2.31 -8.99 -10.87
C LYS B 38 2.12 -8.55 -11.08
N TYR B 39 1.58 -9.45 -11.87
CA TYR B 39 0.21 -9.88 -11.67
C TYR B 39 0.18 -11.27 -11.09
N VAL B 40 -0.63 -11.42 -10.02
CA VAL B 40 -0.90 -12.72 -9.41
C VAL B 40 -2.41 -12.77 -9.16
N GLU B 41 -3.04 -13.91 -9.47
CA GLU B 41 -4.49 -14.05 -9.27
CA GLU B 41 -4.50 -14.06 -9.28
C GLU B 41 -4.87 -13.80 -7.82
N PHE B 42 -6.05 -13.23 -7.60
CA PHE B 42 -6.51 -12.84 -6.26
C PHE B 42 -6.52 -14.02 -5.27
N GLU B 43 -6.94 -15.20 -5.73
CA GLU B 43 -7.01 -16.40 -4.88
C GLU B 43 -5.62 -16.82 -4.43
N GLU B 44 -4.63 -16.61 -5.29
CA GLU B 44 -3.26 -16.98 -4.96
C GLU B 44 -2.68 -15.95 -3.98
N ILE B 45 -3.00 -14.68 -4.18
CA ILE B 45 -2.63 -13.67 -3.18
C ILE B 45 -3.22 -14.03 -1.80
N THR B 46 -4.48 -14.43 -1.78
CA THR B 46 -5.12 -14.83 -0.54
C THR B 46 -4.37 -16.00 0.12
N LYS B 47 -4.08 -17.04 -0.66
CA LYS B 47 -3.33 -18.20 -0.12
C LYS B 47 -1.95 -17.81 0.41
N ILE B 48 -1.21 -17.03 -0.37
CA ILE B 48 0.14 -16.65 0.04
C ILE B 48 0.12 -15.79 1.31
N THR B 49 -0.82 -14.85 1.38
CA THR B 49 -0.87 -13.97 2.53
CA THR B 49 -0.97 -13.95 2.52
C THR B 49 -1.31 -14.73 3.77
N LEU B 50 -2.28 -15.64 3.64
CA LEU B 50 -2.74 -16.39 4.80
C LEU B 50 -1.61 -17.27 5.33
N ARG B 51 -0.89 -17.92 4.42
CA ARG B 51 0.19 -18.80 4.84
C ARG B 51 1.24 -18.00 5.59
N TYR B 52 1.56 -16.80 5.09
CA TYR B 52 2.57 -15.95 5.71
C TYR B 52 2.15 -15.49 7.10
N ILE B 53 0.95 -14.97 7.21
CA ILE B 53 0.46 -14.47 8.47
C ILE B 53 0.38 -15.60 9.53
N LEU B 54 -0.06 -16.80 9.12
CA LEU B 54 -0.16 -17.92 10.06
C LEU B 54 1.25 -18.37 10.49
N LYS B 55 2.21 -18.24 9.58
CA LYS B 55 3.59 -18.60 9.90
C LYS B 55 4.13 -17.67 10.98
N VAL B 56 3.97 -16.36 10.77
CA VAL B 56 4.27 -15.35 11.79
C VAL B 56 3.64 -15.70 13.16
N ARG B 57 2.41 -16.23 13.15
CA ARG B 57 1.66 -16.50 14.38
C ARG B 57 1.95 -17.86 15.04
N GLY B 58 2.69 -18.72 14.34
CA GLY B 58 2.88 -20.12 14.77
C GLY B 58 1.62 -20.96 14.62
N GLU B 59 0.73 -20.55 13.72
CA GLU B 59 -0.57 -21.21 13.56
C GLU B 59 -0.75 -21.83 12.17
N GLU B 60 0.33 -22.42 11.66
CA GLU B 60 0.32 -23.12 10.38
C GLU B 60 -0.80 -24.14 10.26
N SER B 61 -1.16 -24.77 11.37
CA SER B 61 -2.16 -25.84 11.35
C SER B 61 -3.57 -25.32 11.08
N LYS B 62 -3.74 -23.99 11.14
CA LYS B 62 -5.07 -23.39 11.04
C LYS B 62 -5.44 -22.97 9.63
N PHE B 63 -4.55 -23.28 8.67
CA PHE B 63 -4.72 -22.81 7.28
C PHE B 63 -6.10 -23.09 6.69
N ASP B 64 -6.48 -24.38 6.64
CA ASP B 64 -7.79 -24.73 6.07
C ASP B 64 -8.94 -24.06 6.82
N GLU B 65 -8.88 -24.09 8.15
CA GLU B 65 -9.88 -23.43 8.99
C GLU B 65 -10.03 -21.95 8.60
N GLU B 66 -8.91 -21.25 8.50
CA GLU B 66 -8.97 -19.80 8.24
C GLU B 66 -9.36 -19.51 6.79
N LEU B 67 -8.89 -20.34 5.86
CA LEU B 67 -9.33 -20.17 4.45
C LEU B 67 -10.85 -20.38 4.32
N ASN B 68 -11.37 -21.37 5.06
CA ASN B 68 -12.82 -21.64 5.12
CA ASN B 68 -12.82 -21.61 5.08
C ASN B 68 -13.59 -20.42 5.63
N LYS B 69 -13.03 -19.73 6.62
CA LYS B 69 -13.69 -18.49 7.11
C LYS B 69 -13.78 -17.47 5.97
N TRP B 70 -12.71 -17.37 5.19
CA TRP B 70 -12.74 -16.44 4.04
C TRP B 70 -13.79 -16.89 3.03
N LYS B 71 -13.81 -18.19 2.73
CA LYS B 71 -14.83 -18.72 1.82
C LYS B 71 -16.23 -18.42 2.33
N ASN B 72 -16.40 -18.40 3.65
CA ASN B 72 -17.73 -18.27 4.23
C ASN B 72 -18.11 -16.91 4.75
N LEU B 73 -17.42 -15.87 4.27
CA LEU B 73 -17.78 -14.53 4.67
C LEU B 73 -19.28 -14.29 4.53
N LYS B 74 -19.81 -13.58 5.53
CA LYS B 74 -21.23 -13.22 5.56
CA LYS B 74 -21.22 -13.22 5.55
C LYS B 74 -21.45 -11.75 5.16
N ALA B 75 -22.55 -11.52 4.44
CA ALA B 75 -22.87 -10.16 3.98
C ALA B 75 -23.45 -9.37 5.14
N TYR B 76 -23.28 -8.05 5.10
CA TYR B 76 -23.91 -7.19 6.08
C TYR B 76 -25.42 -7.30 5.96
N GLU B 77 -26.11 -7.19 7.11
CA GLU B 77 -27.57 -7.40 7.16
C GLU B 77 -28.29 -6.54 6.14
N ASP B 78 -27.83 -5.30 6.00
CA ASP B 78 -28.56 -4.30 5.17
C ASP B 78 -28.43 -4.55 3.66
N THR B 79 -27.56 -5.49 3.29
CA THR B 79 -27.38 -5.78 1.85
C THR B 79 -28.62 -6.40 1.19
N LYS B 80 -29.57 -6.84 2.03
CA LYS B 80 -30.87 -7.28 1.51
C LYS B 80 -31.53 -6.19 0.63
N TYR B 81 -31.18 -4.93 0.88
CA TYR B 81 -31.70 -3.81 0.06
C TYR B 81 -31.22 -3.81 -1.38
N LEU B 82 -30.27 -4.68 -1.71
CA LEU B 82 -29.94 -4.87 -3.12
C LEU B 82 -31.18 -5.24 -3.95
N LYS B 83 -32.17 -5.89 -3.32
CA LYS B 83 -33.42 -6.20 -4.03
C LYS B 83 -34.08 -4.92 -4.54
N GLU B 84 -34.43 -4.04 -3.61
CA GLU B 84 -35.08 -2.75 -3.94
C GLU B 84 -34.21 -1.92 -4.84
N ILE B 85 -32.91 -1.87 -4.53
CA ILE B 85 -31.99 -1.11 -5.36
C ILE B 85 -31.96 -1.61 -6.81
N SER B 86 -31.93 -2.93 -7.02
CA SER B 86 -31.79 -3.51 -8.37
C SER B 86 -33.02 -3.24 -9.26
N GLU B 87 -34.14 -2.89 -8.63
CA GLU B 87 -35.37 -2.56 -9.35
C GLU B 87 -35.42 -1.10 -9.79
N ILE B 88 -34.58 -0.25 -9.20
CA ILE B 88 -34.54 1.18 -9.63
C ILE B 88 -33.20 1.67 -10.14
N ALA B 89 -32.22 0.79 -10.16
CA ALA B 89 -30.87 1.13 -10.61
C ALA B 89 -30.25 -0.11 -11.23
N GLU B 90 -29.22 0.09 -12.06
CA GLU B 90 -28.53 -1.03 -12.69
CA GLU B 90 -28.50 -1.00 -12.71
C GLU B 90 -27.38 -1.46 -11.79
N VAL B 91 -27.47 -2.69 -11.28
CA VAL B 91 -26.54 -3.18 -10.23
C VAL B 91 -25.46 -4.09 -10.82
N TYR B 92 -24.20 -3.69 -10.69
CA TYR B 92 -23.04 -4.50 -11.09
C TYR B 92 -22.11 -4.67 -9.89
N ALA B 93 -21.30 -5.74 -9.95
CA ALA B 93 -20.14 -5.86 -9.05
C ALA B 93 -18.86 -5.44 -9.75
N LEU B 94 -17.94 -4.78 -9.00
CA LEU B 94 -16.61 -4.45 -9.56
C LEU B 94 -15.67 -4.69 -8.39
N SER B 95 -14.92 -5.78 -8.48
CA SER B 95 -14.14 -6.28 -7.36
C SER B 95 -12.74 -6.66 -7.82
N ASN B 96 -11.78 -6.60 -6.91
CA ASN B 96 -10.49 -7.25 -7.13
C ASN B 96 -10.62 -8.77 -7.26
N GLY B 97 -11.64 -9.35 -6.62
CA GLY B 97 -11.83 -10.80 -6.67
C GLY B 97 -12.13 -11.30 -8.07
N SER B 98 -11.84 -12.57 -8.35
CA SER B 98 -12.19 -13.13 -9.65
C SER B 98 -13.70 -13.15 -9.82
N ILE B 99 -14.16 -13.14 -11.07
CA ILE B 99 -15.60 -13.31 -11.35
C ILE B 99 -16.22 -14.48 -10.60
N ASN B 100 -15.56 -15.63 -10.70
CA ASN B 100 -16.08 -16.85 -10.10
C ASN B 100 -16.12 -16.79 -8.58
N GLU B 101 -15.08 -16.22 -7.97
CA GLU B 101 -15.11 -16.11 -6.52
C GLU B 101 -16.20 -15.17 -6.04
N VAL B 102 -16.35 -14.04 -6.72
CA VAL B 102 -17.35 -13.08 -6.35
C VAL B 102 -18.76 -13.69 -6.47
N LYS B 103 -19.00 -14.40 -7.57
CA LYS B 103 -20.28 -15.11 -7.73
C LYS B 103 -20.51 -16.08 -6.58
N GLN B 104 -19.47 -16.82 -6.20
CA GLN B 104 -19.60 -17.75 -5.07
C GLN B 104 -20.07 -17.10 -3.78
N HIS B 105 -19.43 -15.98 -3.41
CA HIS B 105 -19.76 -15.31 -2.18
C HIS B 105 -21.17 -14.78 -2.28
N LEU B 106 -21.50 -14.20 -3.43
CA LEU B 106 -22.84 -13.59 -3.58
C LEU B 106 -23.94 -14.65 -3.50
N GLU B 107 -23.72 -15.78 -4.16
CA GLU B 107 -24.67 -16.92 -4.13
C GLU B 107 -24.88 -17.45 -2.71
N ARG B 108 -23.77 -17.68 -2.01
CA ARG B 108 -23.82 -18.18 -0.64
CA ARG B 108 -23.77 -18.16 -0.63
C ARG B 108 -24.68 -17.26 0.22
N ASN B 109 -24.62 -15.96 -0.06
CA ASN B 109 -25.31 -14.95 0.73
C ASN B 109 -26.69 -14.56 0.22
N GLY B 110 -27.14 -15.26 -0.82
CA GLY B 110 -28.46 -15.05 -1.40
C GLY B 110 -28.62 -13.72 -2.09
N LEU B 111 -27.52 -13.21 -2.67
CA LEU B 111 -27.53 -11.88 -3.31
C LEU B 111 -27.25 -11.87 -4.79
N LEU B 112 -26.80 -13.01 -5.32
CA LEU B 112 -26.35 -13.02 -6.72
C LEU B 112 -27.47 -12.62 -7.67
N ARG B 113 -28.72 -12.97 -7.34
CA ARG B 113 -29.80 -12.71 -8.29
C ARG B 113 -30.03 -11.24 -8.59
N TYR B 114 -29.48 -10.38 -7.75
CA TYR B 114 -29.74 -8.93 -7.89
C TYR B 114 -28.78 -8.25 -8.86
N PHE B 115 -27.76 -8.96 -9.35
CA PHE B 115 -26.71 -8.35 -10.16
C PHE B 115 -26.89 -8.52 -11.64
N LYS B 116 -26.76 -7.42 -12.37
CA LYS B 116 -26.80 -7.49 -13.85
C LYS B 116 -25.49 -7.99 -14.47
N GLY B 117 -24.39 -7.91 -13.72
CA GLY B 117 -23.08 -8.25 -14.26
C GLY B 117 -22.05 -8.21 -13.17
N ILE B 118 -20.93 -8.86 -13.45
CA ILE B 118 -19.85 -9.04 -12.49
C ILE B 118 -18.57 -8.75 -13.22
N PHE B 119 -17.77 -7.81 -12.69
CA PHE B 119 -16.50 -7.41 -13.30
C PHE B 119 -15.39 -7.56 -12.29
N SER B 120 -14.22 -7.96 -12.79
CA SER B 120 -13.06 -8.19 -11.92
C SER B 120 -11.86 -7.36 -12.36
N ALA B 121 -11.13 -6.82 -11.38
CA ALA B 121 -9.82 -6.22 -11.66
C ALA B 121 -8.86 -7.22 -12.33
N GLU B 122 -9.04 -8.52 -12.05
CA GLU B 122 -8.20 -9.54 -12.68
C GLU B 122 -8.19 -9.38 -14.19
N SER B 123 -9.34 -8.98 -14.75
CA SER B 123 -9.48 -8.88 -16.19
C SER B 123 -8.51 -7.92 -16.84
N VAL B 124 -8.01 -6.93 -16.07
CA VAL B 124 -7.01 -5.97 -16.58
C VAL B 124 -5.63 -6.13 -15.94
N LYS B 125 -5.49 -7.17 -15.12
CA LYS B 125 -4.20 -7.55 -14.54
C LYS B 125 -3.53 -6.43 -13.74
N GLU B 126 -4.37 -5.58 -13.14
CA GLU B 126 -3.95 -4.54 -12.18
C GLU B 126 -5.07 -4.44 -11.17
N TYR B 127 -4.73 -4.26 -9.89
CA TYR B 127 -5.73 -4.16 -8.85
C TYR B 127 -6.12 -2.73 -8.52
N LYS B 128 -7.26 -2.57 -7.83
CA LYS B 128 -7.66 -1.25 -7.36
C LYS B 128 -6.55 -0.65 -6.50
N PRO B 129 -6.40 0.67 -6.51
CA PRO B 129 -7.17 1.71 -7.20
C PRO B 129 -6.63 2.07 -8.61
N SER B 130 -6.07 1.11 -9.32
CA SER B 130 -5.60 1.41 -10.70
C SER B 130 -6.74 1.97 -11.53
N PRO B 131 -6.48 3.06 -12.25
CA PRO B 131 -7.54 3.58 -13.15
C PRO B 131 -7.97 2.60 -14.23
N LYS B 132 -7.10 1.64 -14.56
CA LYS B 132 -7.40 0.63 -15.59
CA LYS B 132 -7.43 0.64 -15.60
C LYS B 132 -8.67 -0.13 -15.21
N VAL B 133 -8.83 -0.36 -13.90
CA VAL B 133 -9.98 -1.11 -13.39
C VAL B 133 -11.28 -0.35 -13.62
N TYR B 134 -11.35 0.89 -13.16
CA TYR B 134 -12.59 1.63 -13.21
C TYR B 134 -12.94 1.95 -14.66
N LYS B 135 -11.92 2.31 -15.44
CA LYS B 135 -12.16 2.66 -16.84
C LYS B 135 -12.63 1.46 -17.65
N TYR B 136 -12.16 0.28 -17.30
CA TYR B 136 -12.59 -0.94 -17.98
C TYR B 136 -14.05 -1.21 -17.67
N PHE B 137 -14.45 -0.97 -16.43
CA PHE B 137 -15.87 -1.09 -16.10
C PHE B 137 -16.69 -0.10 -16.95
N LEU B 138 -16.29 1.17 -16.94
CA LEU B 138 -17.06 2.21 -17.63
C LEU B 138 -17.16 1.94 -19.12
N ASP B 139 -16.05 1.48 -19.70
CA ASP B 139 -16.00 1.19 -21.15
C ASP B 139 -16.81 -0.07 -21.50
N SER B 140 -16.86 -1.01 -20.57
CA SER B 140 -17.53 -2.29 -20.81
C SER B 140 -19.01 -2.15 -20.94
N ILE B 141 -19.59 -1.26 -20.15
CA ILE B 141 -21.03 -1.11 -20.20
C ILE B 141 -21.44 0.16 -20.93
N GLY B 142 -20.46 0.80 -21.58
CA GLY B 142 -20.69 2.02 -22.37
C GLY B 142 -21.24 3.15 -21.53
N ALA B 143 -20.83 3.15 -20.26
CA ALA B 143 -21.25 4.15 -19.30
C ALA B 143 -20.29 5.35 -19.30
N LYS B 144 -20.55 6.26 -18.36
CA LYS B 144 -19.75 7.46 -18.13
C LYS B 144 -20.18 7.92 -16.75
N GLU B 145 -21.49 8.09 -16.61
CA GLU B 145 -22.14 8.41 -15.36
C GLU B 145 -22.51 7.07 -14.73
N ALA B 146 -21.69 6.66 -13.78
CA ALA B 146 -21.93 5.44 -13.06
C ALA B 146 -21.27 5.76 -11.75
N PHE B 147 -21.80 5.19 -10.67
CA PHE B 147 -21.25 5.44 -9.35
C PHE B 147 -20.56 4.17 -8.84
N LEU B 148 -19.38 4.31 -8.28
CA LEU B 148 -18.71 3.23 -7.56
C LEU B 148 -19.19 3.29 -6.13
N VAL B 149 -19.80 2.19 -5.67
CA VAL B 149 -20.31 2.13 -4.30
C VAL B 149 -19.33 1.32 -3.46
N SER B 150 -18.71 1.94 -2.45
CA SER B 150 -17.70 1.22 -1.70
C SER B 150 -17.60 1.71 -0.26
N SER B 151 -17.25 0.80 0.66
CA SER B 151 -16.95 1.13 2.06
C SER B 151 -15.45 1.31 2.28
N ASN B 152 -14.67 1.10 1.21
CA ASN B 152 -13.21 1.23 1.28
C ASN B 152 -12.79 2.60 0.78
N ALA B 153 -12.24 3.41 1.69
CA ALA B 153 -11.82 4.76 1.31
C ALA B 153 -10.93 4.78 0.06
N PHE B 154 -9.97 3.86 -0.02
CA PHE B 154 -9.03 3.92 -1.15
C PHE B 154 -9.73 3.68 -2.49
N ASP B 155 -10.82 2.92 -2.44
CA ASP B 155 -11.57 2.50 -3.64
C ASP B 155 -12.45 3.69 -4.11
N VAL B 156 -13.10 4.37 -3.17
CA VAL B 156 -13.83 5.59 -3.45
C VAL B 156 -12.91 6.63 -4.11
N ILE B 157 -11.71 6.81 -3.55
CA ILE B 157 -10.77 7.78 -4.13
C ILE B 157 -10.24 7.30 -5.49
N GLY B 158 -10.03 6.00 -5.63
CA GLY B 158 -9.60 5.43 -6.89
C GLY B 158 -10.61 5.73 -7.98
N ALA B 159 -11.87 5.54 -7.65
CA ALA B 159 -12.93 5.76 -8.64
C ALA B 159 -12.92 7.22 -9.08
N LYS B 160 -12.85 8.11 -8.09
CA LYS B 160 -12.79 9.56 -8.36
C LYS B 160 -11.66 9.94 -9.31
N ASN B 161 -10.47 9.39 -9.03
CA ASN B 161 -9.27 9.62 -9.82
CA ASN B 161 -9.32 9.74 -9.84
C ASN B 161 -9.44 9.21 -11.27
N ALA B 162 -10.25 8.15 -11.47
CA ALA B 162 -10.47 7.59 -12.79
C ALA B 162 -11.70 8.21 -13.48
N GLY B 163 -12.23 9.25 -12.85
CA GLY B 163 -13.34 10.01 -13.43
C GLY B 163 -14.71 9.35 -13.22
N MET B 164 -14.78 8.45 -12.26
CA MET B 164 -16.04 7.82 -11.88
C MET B 164 -16.64 8.53 -10.66
N ARG B 165 -17.95 8.65 -10.57
CA ARG B 165 -18.53 9.21 -9.35
CA ARG B 165 -18.59 9.18 -9.37
C ARG B 165 -18.51 8.14 -8.26
N SER B 166 -18.62 8.57 -7.01
CA SER B 166 -18.44 7.67 -5.88
C SER B 166 -19.51 7.85 -4.82
N ILE B 167 -19.94 6.72 -4.25
CA ILE B 167 -20.79 6.70 -3.06
C ILE B 167 -20.07 5.93 -1.98
N PHE B 168 -19.71 6.62 -0.91
CA PHE B 168 -19.02 6.01 0.18
C PHE B 168 -20.05 5.48 1.17
N VAL B 169 -20.04 4.18 1.44
CA VAL B 169 -20.91 3.57 2.43
C VAL B 169 -20.13 3.47 3.74
N ASN B 170 -20.39 4.44 4.62
CA ASN B 170 -19.56 4.68 5.80
C ASN B 170 -19.90 3.72 6.94
N ARG B 171 -19.47 2.47 6.80
CA ARG B 171 -19.91 1.43 7.74
C ARG B 171 -19.28 1.55 9.12
N LYS B 172 -18.13 2.21 9.18
CA LYS B 172 -17.39 2.28 10.43
C LYS B 172 -17.54 3.65 11.07
N ASN B 173 -18.50 4.42 10.54
CA ASN B 173 -18.94 5.65 11.18
C ASN B 173 -17.80 6.64 11.39
N THR B 174 -16.92 6.72 10.39
CA THR B 174 -15.84 7.74 10.41
C THR B 174 -16.45 9.13 10.33
N ILE B 175 -15.78 10.10 10.92
CA ILE B 175 -16.26 11.48 10.82
C ILE B 175 -15.25 12.40 10.16
N VAL B 176 -14.10 11.84 9.81
CA VAL B 176 -13.13 12.59 9.00
C VAL B 176 -13.16 12.11 7.53
N ASP B 177 -13.23 13.06 6.60
CA ASP B 177 -13.17 12.78 5.16
C ASP B 177 -11.92 12.00 4.82
N PRO B 178 -12.02 11.05 3.86
CA PRO B 178 -10.83 10.32 3.45
C PRO B 178 -9.81 11.28 2.88
N ILE B 179 -8.57 10.82 2.83
CA ILE B 179 -7.52 11.58 2.21
C ILE B 179 -7.75 11.45 0.72
N GLY B 180 -7.62 12.57 0.00
CA GLY B 180 -7.77 12.57 -1.44
C GLY B 180 -9.06 13.21 -1.88
N GLY B 181 -9.90 13.60 -0.91
CA GLY B 181 -11.09 14.33 -1.26
C GLY B 181 -12.38 13.71 -0.74
N LYS B 182 -13.47 14.44 -0.95
CA LYS B 182 -14.76 14.05 -0.45
C LYS B 182 -15.47 13.21 -1.51
N PRO B 183 -16.07 12.08 -1.09
CA PRO B 183 -16.88 11.28 -2.02
C PRO B 183 -18.08 12.08 -2.51
N ASP B 184 -18.63 11.71 -3.66
CA ASP B 184 -19.79 12.46 -4.19
C ASP B 184 -21.02 12.31 -3.31
N VAL B 185 -21.18 11.12 -2.74
CA VAL B 185 -22.32 10.82 -1.87
C VAL B 185 -21.81 10.03 -0.69
N ILE B 186 -22.32 10.30 0.51
CA ILE B 186 -22.00 9.47 1.67
C ILE B 186 -23.30 8.97 2.29
N VAL B 187 -23.37 7.65 2.49
CA VAL B 187 -24.48 7.04 3.23
C VAL B 187 -23.95 6.03 4.24
N ASN B 188 -24.76 5.63 5.23
CA ASN B 188 -24.25 4.75 6.28
C ASN B 188 -24.37 3.27 6.00
N ASP B 189 -25.31 2.90 5.13
CA ASP B 189 -25.55 1.50 4.79
C ASP B 189 -26.44 1.41 3.56
N PHE B 190 -26.85 0.20 3.19
CA PHE B 190 -27.58 0.03 1.93
C PHE B 190 -29.04 0.49 1.99
N LYS B 191 -29.62 0.56 3.19
CA LYS B 191 -30.96 1.10 3.33
C LYS B 191 -30.91 2.58 2.99
N GLU B 192 -29.96 3.29 3.59
CA GLU B 192 -29.75 4.69 3.24
C GLU B 192 -29.38 4.92 1.77
N LEU B 193 -28.59 4.00 1.21
CA LEU B 193 -28.29 4.04 -0.24
C LEU B 193 -29.58 3.98 -1.06
N TYR B 194 -30.46 3.02 -0.74
CA TYR B 194 -31.73 2.88 -1.42
C TYR B 194 -32.55 4.18 -1.35
N GLU B 195 -32.65 4.73 -0.15
CA GLU B 195 -33.41 5.96 0.07
C GLU B 195 -32.81 7.11 -0.69
N TRP B 196 -31.47 7.14 -0.77
CA TRP B 196 -30.79 8.19 -1.53
C TRP B 196 -31.14 8.12 -3.01
N ILE B 197 -31.06 6.91 -3.56
CA ILE B 197 -31.40 6.71 -4.96
C ILE B 197 -32.86 7.14 -5.25
N LEU B 198 -33.78 6.78 -4.38
CA LEU B 198 -35.19 7.19 -4.57
C LEU B 198 -35.34 8.70 -4.67
N ARG B 199 -34.56 9.42 -3.87
CA ARG B 199 -34.57 10.89 -3.85
C ARG B 199 -33.83 11.53 -5.03
N TYR B 200 -32.94 10.76 -5.64
CA TYR B 200 -32.06 11.27 -6.69
C TYR B 200 -32.63 11.06 -8.09
N LYS B 201 -33.07 9.84 -8.36
CA LYS B 201 -33.50 9.40 -9.68
C LYS B 201 -34.36 10.45 -10.38
#